data_3V0W
#
_entry.id   3V0W
#
_cell.length_a   101.852
_cell.length_b   101.852
_cell.length_c   118.532
_cell.angle_alpha   90.00
_cell.angle_beta   90.00
_cell.angle_gamma   90.00
#
_symmetry.space_group_name_H-M   'P 43 21 2'
#
loop_
_entity.id
_entity.type
_entity.pdbx_description
1 polymer 'WN1 222-5 Fab (IgG2a) light chain'
2 polymer 'WN1 222-5 Fab (IgG2a) heavy chain'
3 branched '2-amino-2-deoxy-alpha-D-glucopyranose-(1-2)-alpha-D-glucopyranose-(1-2)-alpha-D-glucopyranose-(1-3)-[alpha-D-galactopyranose-(1-6)]alpha-D-glucopyranose-(1-3)-[L-glycero-alpha-D-manno-heptopyranose-(1-7)]4-O-phosphono-L-glycero-alpha-D-manno-heptopyranose-(1-3)-4-O-phosphono-L-glycero-alpha-D-manno-heptopyranose-(1-5)-[3-deoxy-alpha-D-manno-oct-2-ulopyranosonic acid-(2-4)]3-deoxy-alpha-D-manno-oct-2-ulopyranosonic acid'
4 non-polymer 'SULFATE ION'
5 water water
#
loop_
_entity_poly.entity_id
_entity_poly.type
_entity_poly.pdbx_seq_one_letter_code
_entity_poly.pdbx_strand_id
1 'polypeptide(L)'
;DIQMNQSPSSLSASLGDTISITCRASQNINIWLSWYQQKPGNVPKLLIYKASNLHTGVPSRFSGSGSGTDFTLIISSLQP
EDIATYYCLQGQSYPRTFGGGTKLEIKRGDAAPTVSIFPPSSEQLTSGGASVVCFLNNFYPKDINVKWKIDGSERQNGVL
NSWTDQDSKDSTYSMSSTLTLTKDEYERHNSYTCEATHKTSTSPIVKSFNRG
;
L
2 'polypeptide(L)'
;EVKLVESGGGLVQPGGSLSLSCAASGFTFSDYYMTWVRQAPGKAPEWLALIRNKRNGDTAEYSASVKGRFTISRDYSRSI
LHLQMNALRTEDSATYYCVRQGRGYTLDYWGQGTSVTVSSAKTTAPSVYPLAPVCGDTTGSSVTLGCLVKGYFPEPVTLT
WNSGSLSSGVHTFPAVLQSGLYTLSSSVTVTSSTWPSQSITCNVAHPASSTKVDKKIEP
;
H
#
loop_
_chem_comp.id
_chem_comp.type
_chem_comp.name
_chem_comp.formula
GLA D-saccharide, alpha linking alpha-D-galactopyranose 'C6 H12 O6'
GLC D-saccharide, alpha linking alpha-D-glucopyranose 'C6 H12 O6'
GM0 D-saccharide, alpha linking 4-O-phosphono-L-glycero-alpha-D-manno-heptopyranose 'C7 H15 O10 P'
GMH D-saccharide, alpha linking L-glycero-alpha-D-manno-heptopyranose 'C7 H14 O7'
KDO D-saccharide, alpha linking '3-deoxy-alpha-D-manno-oct-2-ulopyranosonic acid' 'C8 H14 O8'
PA1 D-saccharide, alpha linking 2-amino-2-deoxy-alpha-D-glucopyranose 'C6 H13 N O5'
SO4 non-polymer 'SULFATE ION' 'O4 S -2'
#
# COMPACT_ATOMS: atom_id res chain seq x y z
N ASP A 1 24.28 -13.50 11.71
CA ASP A 1 23.49 -12.66 10.71
C ASP A 1 23.75 -11.21 11.08
N ILE A 2 23.75 -10.32 10.09
CA ILE A 2 24.01 -8.90 10.32
C ILE A 2 22.71 -8.15 10.54
N GLN A 3 22.56 -7.48 11.71
CA GLN A 3 21.33 -6.77 12.00
C GLN A 3 21.57 -5.35 11.52
N MET A 4 20.58 -4.80 10.87
CA MET A 4 20.68 -3.41 10.39
C MET A 4 19.70 -2.57 11.21
N ASN A 5 20.24 -1.59 11.96
CA ASN A 5 19.30 -0.82 12.83
C ASN A 5 19.19 0.58 12.30
N GLN A 6 17.97 1.00 12.00
CA GLN A 6 17.77 2.31 11.44
C GLN A 6 17.24 3.24 12.46
N SER A 7 17.61 4.51 12.38
CA SER A 7 17.15 5.51 13.33
C SER A 7 16.67 6.78 12.62
N PRO A 8 15.84 7.64 13.06
CA PRO A 8 14.71 7.37 13.85
C PRO A 8 13.79 6.52 12.99
N SER A 9 12.86 5.99 13.69
CA SER A 9 11.91 5.08 13.11
C SER A 9 10.87 5.85 12.32
N SER A 10 10.63 7.06 12.80
CA SER A 10 9.70 8.00 12.17
C SER A 10 10.28 9.40 12.34
N LEU A 11 10.02 10.31 11.40
CA LEU A 11 10.53 11.71 11.53
C LEU A 11 9.46 12.55 10.88
N SER A 12 9.13 13.72 11.46
CA SER A 12 8.24 14.70 10.77
C SER A 12 9.19 15.92 10.52
N ALA A 13 9.21 16.46 9.31
CA ALA A 13 10.05 17.60 9.06
C ALA A 13 9.31 18.53 8.13
N SER A 14 9.78 19.80 8.05
CA SER A 14 9.19 20.79 7.19
C SER A 14 9.73 20.77 5.78
N LEU A 15 8.90 21.15 4.81
CA LEU A 15 9.42 21.28 3.46
C LEU A 15 10.62 22.23 3.47
N GLY A 16 11.61 21.95 2.66
CA GLY A 16 12.82 22.74 2.61
C GLY A 16 13.84 22.34 3.63
N ASP A 17 13.49 21.54 4.66
CA ASP A 17 14.40 21.08 5.66
C ASP A 17 15.46 20.10 5.05
N THR A 18 16.59 20.05 5.74
CA THR A 18 17.58 19.02 5.47
C THR A 18 17.29 17.91 6.45
N ILE A 19 17.19 16.69 5.94
CA ILE A 19 17.09 15.62 6.90
C ILE A 19 18.16 14.59 6.78
N SER A 20 18.39 13.97 7.93
CA SER A 20 19.48 13.03 8.10
C SER A 20 19.00 11.74 8.79
N ILE A 21 19.16 10.59 8.11
CA ILE A 21 18.68 9.30 8.59
C ILE A 21 19.87 8.37 8.72
N THR A 22 19.84 7.52 9.72
CA THR A 22 20.94 6.68 10.08
C THR A 22 20.68 5.16 9.96
N CYS A 23 21.73 4.44 9.56
CA CYS A 23 21.67 2.96 9.53
C CYS A 23 22.98 2.46 10.12
N ARG A 24 22.89 1.62 11.13
CA ARG A 24 24.03 1.06 11.76
C ARG A 24 24.01 -0.46 11.62
N ALA A 25 25.12 -1.02 11.17
CA ALA A 25 25.18 -2.50 10.97
C ALA A 25 25.81 -3.11 12.21
N SER A 26 25.39 -4.29 12.56
CA SER A 26 25.97 -4.98 13.73
C SER A 26 27.40 -5.55 13.57
N GLN A 27 27.85 -5.68 12.32
CA GLN A 27 29.18 -6.18 11.90
C GLN A 27 29.66 -5.30 10.76
N ASN A 28 30.95 -5.29 10.50
CA ASN A 28 31.45 -4.55 9.37
C ASN A 28 30.76 -4.97 8.04
N ILE A 29 30.32 -3.98 7.28
CA ILE A 29 29.80 -4.27 5.93
C ILE A 29 30.52 -3.54 4.85
N ASN A 30 31.68 -3.04 5.19
CA ASN A 30 32.48 -2.31 4.26
C ASN A 30 31.71 -1.14 3.66
N ILE A 31 31.59 -1.07 2.34
CA ILE A 31 30.71 -0.07 1.74
C ILE A 31 29.49 -0.69 1.05
N TRP A 32 29.20 -1.92 1.37
CA TRP A 32 28.06 -2.62 0.68
C TRP A 32 26.71 -2.27 1.23
N LEU A 33 26.32 -1.02 1.08
CA LEU A 33 25.15 -0.54 1.83
C LEU A 33 24.37 0.28 0.81
N SER A 34 23.06 0.00 0.67
CA SER A 34 22.23 0.69 -0.31
C SER A 34 21.09 1.30 0.47
N TRP A 35 20.51 2.37 -0.09
CA TRP A 35 19.34 3.04 0.52
C TRP A 35 18.22 3.08 -0.52
N TYR A 36 16.98 2.88 -0.08
CA TYR A 36 15.78 2.78 -0.92
C TYR A 36 14.77 3.73 -0.44
N GLN A 37 13.97 4.24 -1.37
CA GLN A 37 12.80 5.01 -0.99
C GLN A 37 11.59 4.20 -1.40
N GLN A 38 10.58 4.16 -0.52
CA GLN A 38 9.33 3.47 -0.95
C GLN A 38 8.21 4.47 -0.67
N LYS A 39 7.79 5.12 -1.76
CA LYS A 39 6.61 6.04 -1.65
C LYS A 39 5.32 5.24 -1.33
N PRO A 40 4.31 5.87 -0.73
CA PRO A 40 3.14 5.10 -0.36
C PRO A 40 2.47 4.43 -1.59
N GLY A 41 2.20 3.14 -1.42
CA GLY A 41 1.60 2.29 -2.41
C GLY A 41 2.58 1.87 -3.52
N ASN A 42 3.88 2.20 -3.39
CA ASN A 42 4.81 2.01 -4.53
C ASN A 42 5.78 0.92 -4.09
N VAL A 43 6.65 0.51 -5.00
CA VAL A 43 7.69 -0.47 -4.64
C VAL A 43 8.92 0.27 -4.17
N PRO A 44 9.86 -0.39 -3.46
CA PRO A 44 11.13 0.29 -3.13
C PRO A 44 11.94 0.65 -4.34
N LYS A 45 12.57 1.85 -4.36
CA LYS A 45 13.41 2.24 -5.50
C LYS A 45 14.76 2.62 -4.95
N LEU A 46 15.80 2.19 -5.66
CA LEU A 46 17.18 2.48 -5.23
C LEU A 46 17.51 3.95 -5.27
N LEU A 47 18.10 4.46 -4.16
CA LEU A 47 18.65 5.88 -4.16
C LEU A 47 20.15 5.90 -4.28
N ILE A 48 20.80 5.13 -3.43
CA ILE A 48 22.27 5.16 -3.20
C ILE A 48 22.76 3.74 -3.14
N TYR A 49 23.85 3.45 -3.83
CA TYR A 49 24.48 2.10 -3.74
C TYR A 49 25.93 2.27 -3.40
N LYS A 50 26.55 1.23 -2.90
CA LYS A 50 27.93 1.33 -2.48
C LYS A 50 28.16 2.52 -1.52
N ALA A 51 27.20 2.69 -0.64
CA ALA A 51 27.21 3.65 0.46
C ALA A 51 27.06 5.12 0.08
N SER A 52 27.66 5.50 -1.02
CA SER A 52 27.70 6.89 -1.38
C SER A 52 27.49 7.26 -2.82
N ASN A 53 27.15 6.30 -3.65
CA ASN A 53 26.97 6.55 -5.05
C ASN A 53 25.52 6.75 -5.44
N LEU A 54 25.24 7.80 -6.19
CA LEU A 54 23.89 8.10 -6.55
C LEU A 54 23.41 7.28 -7.69
N HIS A 55 22.25 6.66 -7.59
CA HIS A 55 21.74 5.86 -8.65
C HIS A 55 21.20 6.73 -9.75
N THR A 56 21.29 6.26 -10.99
CA THR A 56 20.86 7.04 -12.12
C THR A 56 19.44 7.52 -11.98
N GLY A 57 19.24 8.80 -12.19
CA GLY A 57 17.91 9.36 -12.09
C GLY A 57 17.38 9.88 -10.76
N VAL A 58 18.12 9.68 -9.67
CA VAL A 58 17.85 10.05 -8.29
C VAL A 58 18.38 11.45 -7.99
N PRO A 59 17.49 12.39 -7.81
CA PRO A 59 17.87 13.76 -7.53
C PRO A 59 19.18 13.92 -6.74
N SER A 60 20.00 14.91 -7.06
CA SER A 60 21.24 15.10 -6.34
C SER A 60 20.99 15.65 -4.93
N ARG A 61 19.72 15.91 -4.58
CA ARG A 61 19.38 16.28 -3.20
C ARG A 61 19.68 15.09 -2.28
N PHE A 62 19.67 13.87 -2.80
CA PHE A 62 20.03 12.72 -1.95
C PHE A 62 21.50 12.43 -1.97
N SER A 63 22.08 12.12 -0.80
CA SER A 63 23.47 11.69 -0.76
C SER A 63 23.69 10.72 0.40
N GLY A 64 24.72 9.89 0.26
CA GLY A 64 25.00 8.91 1.31
C GLY A 64 26.43 8.96 1.75
N SER A 65 26.70 8.56 3.00
CA SER A 65 28.05 8.50 3.50
C SER A 65 28.19 7.39 4.50
N GLY A 66 29.45 7.06 4.84
CA GLY A 66 29.72 6.03 5.89
C GLY A 66 30.46 4.83 5.26
N SER A 67 31.11 4.11 6.14
CA SER A 67 31.76 2.84 5.78
C SER A 67 31.86 2.07 7.08
N GLY A 68 31.97 0.77 6.94
CA GLY A 68 32.13 -0.11 8.09
C GLY A 68 30.77 -0.38 8.72
N THR A 69 30.39 0.38 9.73
CA THR A 69 29.15 0.01 10.47
C THR A 69 28.16 1.17 10.52
N ASP A 70 28.59 2.41 10.27
CA ASP A 70 27.67 3.55 10.49
C ASP A 70 27.48 4.41 9.23
N PHE A 71 26.24 4.53 8.79
CA PHE A 71 25.91 5.10 7.46
C PHE A 71 24.83 6.11 7.62
N THR A 72 24.83 7.12 6.75
CA THR A 72 23.86 8.23 6.82
C THR A 72 23.37 8.57 5.42
N LEU A 73 22.07 8.75 5.31
CA LEU A 73 21.43 9.28 4.12
C LEU A 73 20.97 10.71 4.45
N ILE A 74 21.34 11.60 3.53
CA ILE A 74 20.90 13.01 3.62
C ILE A 74 19.95 13.30 2.51
N ILE A 75 18.86 13.97 2.87
CA ILE A 75 18.03 14.55 1.82
C ILE A 75 18.12 16.06 2.01
N SER A 76 18.64 16.74 0.99
CA SER A 76 18.59 18.24 1.06
C SER A 76 17.16 18.73 0.53
N SER A 77 16.63 19.80 1.11
CA SER A 77 15.55 20.61 0.56
C SER A 77 14.33 19.68 0.36
N LEU A 78 13.87 19.13 1.48
CA LEU A 78 12.67 18.27 1.48
C LEU A 78 11.58 18.84 0.60
N GLN A 79 11.06 17.97 -0.28
CA GLN A 79 10.01 18.24 -1.24
C GLN A 79 8.80 17.33 -0.91
N PRO A 80 7.56 17.73 -1.26
CA PRO A 80 6.38 16.99 -0.80
C PRO A 80 6.43 15.50 -1.30
N GLU A 81 7.06 15.32 -2.45
CA GLU A 81 7.12 13.99 -3.12
C GLU A 81 8.02 13.07 -2.29
N ASP A 82 8.76 13.61 -1.33
CA ASP A 82 9.70 12.76 -0.62
C ASP A 82 8.97 11.97 0.49
N ILE A 83 7.64 12.15 0.72
CA ILE A 83 6.94 11.34 1.65
C ILE A 83 7.10 9.85 1.29
N ALA A 84 7.61 9.03 2.24
CA ALA A 84 8.03 7.70 1.88
C ALA A 84 8.52 7.01 3.17
N THR A 85 8.73 5.71 3.10
CA THR A 85 9.55 5.02 4.10
C THR A 85 10.90 4.76 3.45
N TYR A 86 12.01 5.03 4.13
CA TYR A 86 13.37 4.81 3.57
C TYR A 86 13.93 3.59 4.26
N TYR A 87 14.65 2.73 3.51
CA TYR A 87 15.25 1.53 4.12
C TYR A 87 16.66 1.40 3.70
N CYS A 88 17.53 0.89 4.60
CA CYS A 88 18.87 0.48 4.11
C CYS A 88 18.95 -1.01 3.98
N LEU A 89 20.00 -1.43 3.25
CA LEU A 89 20.16 -2.88 2.95
C LEU A 89 21.66 -3.13 2.93
N GLN A 90 22.09 -4.18 3.69
CA GLN A 90 23.52 -4.60 3.58
C GLN A 90 23.63 -5.72 2.56
N GLY A 91 24.71 -5.62 1.80
CA GLY A 91 25.01 -6.71 0.80
C GLY A 91 26.38 -7.33 1.08
N GLN A 92 26.87 -7.22 2.30
CA GLN A 92 28.11 -7.89 2.75
C GLN A 92 27.97 -9.41 2.84
N SER A 93 26.90 -9.87 3.45
CA SER A 93 26.75 -11.29 3.85
C SER A 93 25.39 -11.80 3.56
N TYR A 94 25.25 -13.15 3.54
CA TYR A 94 23.87 -13.73 3.61
C TYR A 94 23.60 -14.18 5.02
N PRO A 95 22.38 -14.01 5.49
CA PRO A 95 21.29 -13.48 4.64
C PRO A 95 21.37 -11.98 4.39
N ARG A 96 20.85 -11.49 3.28
CA ARG A 96 20.73 -10.07 3.05
C ARG A 96 19.72 -9.52 4.04
N THR A 97 20.04 -8.41 4.68
CA THR A 97 19.14 -7.87 5.72
C THR A 97 18.92 -6.37 5.50
N PHE A 98 17.67 -5.96 5.79
CA PHE A 98 17.25 -4.56 5.70
C PHE A 98 17.09 -3.97 7.05
N GLY A 99 17.28 -2.66 7.09
CA GLY A 99 16.88 -1.89 8.31
C GLY A 99 15.36 -1.90 8.44
N GLY A 100 14.89 -1.43 9.61
CA GLY A 100 13.46 -1.51 9.82
C GLY A 100 12.74 -0.31 9.28
N GLY A 101 13.48 0.63 8.70
CA GLY A 101 12.86 1.73 8.01
C GLY A 101 12.74 3.01 8.81
N THR A 102 12.66 4.11 8.08
CA THR A 102 12.36 5.42 8.70
C THR A 102 11.21 5.94 7.87
N LYS A 103 10.13 6.23 8.54
CA LYS A 103 8.94 6.75 7.90
C LYS A 103 8.97 8.25 7.83
N LEU A 104 8.96 8.87 6.70
CA LEU A 104 9.02 10.29 6.67
C LEU A 104 7.64 10.87 6.42
N GLU A 105 7.33 11.80 7.33
CA GLU A 105 6.10 12.58 7.29
C GLU A 105 6.42 14.08 7.11
N ILE A 106 5.61 14.76 6.33
CA ILE A 106 5.84 16.18 6.08
C ILE A 106 4.94 17.08 6.92
N LYS A 107 5.55 18.00 7.65
CA LYS A 107 4.78 18.97 8.48
C LYS A 107 4.13 19.95 7.54
N ARG A 108 2.94 20.37 7.91
CA ARG A 108 2.21 21.35 7.16
C ARG A 108 1.20 22.05 8.05
N GLY A 109 0.58 23.09 7.55
CA GLY A 109 -0.36 23.76 8.45
C GLY A 109 -1.63 22.99 8.63
N ASP A 110 -2.35 23.31 9.68
CA ASP A 110 -3.59 22.57 10.00
C ASP A 110 -4.59 22.75 8.85
N ALA A 111 -5.37 21.69 8.66
CA ALA A 111 -6.45 21.70 7.63
C ALA A 111 -7.60 20.91 8.14
N ALA A 112 -8.80 21.52 8.14
CA ALA A 112 -9.94 20.76 8.69
C ALA A 112 -10.44 19.77 7.66
N PRO A 113 -11.06 18.70 8.16
CA PRO A 113 -11.56 17.70 7.16
C PRO A 113 -12.78 18.19 6.43
N THR A 114 -12.84 17.83 5.16
CA THR A 114 -14.10 17.99 4.43
C THR A 114 -14.92 16.71 4.61
N VAL A 115 -16.12 16.80 5.21
CA VAL A 115 -16.83 15.59 5.70
C VAL A 115 -18.10 15.43 4.81
N SER A 116 -18.33 14.20 4.33
CA SER A 116 -19.46 13.91 3.40
C SER A 116 -20.08 12.64 3.93
N ILE A 117 -21.42 12.62 4.08
CA ILE A 117 -22.11 11.42 4.57
C ILE A 117 -23.00 10.84 3.43
N PHE A 118 -23.03 9.53 3.36
CA PHE A 118 -23.77 8.79 2.31
C PHE A 118 -24.64 7.73 2.95
N PRO A 119 -25.99 7.82 2.73
CA PRO A 119 -26.92 6.82 3.21
C PRO A 119 -26.76 5.52 2.39
N PRO A 120 -27.41 4.43 2.84
CA PRO A 120 -27.24 3.20 2.06
C PRO A 120 -27.71 3.36 0.62
N SER A 121 -27.07 2.66 -0.32
CA SER A 121 -27.46 2.68 -1.71
C SER A 121 -28.73 1.79 -1.83
N SER A 122 -29.52 2.06 -2.85
CA SER A 122 -30.72 1.26 -2.96
C SER A 122 -30.34 -0.18 -3.35
N GLU A 123 -29.25 -0.34 -4.11
CA GLU A 123 -28.74 -1.73 -4.36
C GLU A 123 -28.43 -2.51 -3.12
N GLN A 124 -27.71 -1.87 -2.17
CA GLN A 124 -27.39 -2.57 -0.94
C GLN A 124 -28.67 -2.95 -0.15
N LEU A 125 -29.59 -1.98 -0.05
CA LEU A 125 -30.80 -2.24 0.72
C LEU A 125 -31.60 -3.44 0.14
N THR A 126 -31.63 -3.51 -1.18
CA THR A 126 -32.29 -4.62 -1.91
C THR A 126 -31.73 -5.98 -1.43
N SER A 127 -30.44 -6.02 -1.18
CA SER A 127 -29.77 -7.22 -0.80
C SER A 127 -29.82 -7.41 0.70
N GLY A 128 -30.43 -6.50 1.41
CA GLY A 128 -30.48 -6.68 2.81
C GLY A 128 -29.47 -6.03 3.74
N GLY A 129 -28.53 -5.24 3.31
CA GLY A 129 -27.73 -4.55 4.27
C GLY A 129 -27.88 -3.08 4.12
N ALA A 130 -27.33 -2.39 5.09
CA ALA A 130 -27.41 -0.96 5.17
C ALA A 130 -26.11 -0.46 5.74
N SER A 131 -25.21 0.03 4.89
CA SER A 131 -24.00 0.74 5.32
C SER A 131 -24.17 2.24 5.12
N VAL A 132 -23.70 3.00 6.12
CA VAL A 132 -23.69 4.43 6.00
C VAL A 132 -22.19 4.79 6.00
N VAL A 133 -21.80 5.64 5.07
CA VAL A 133 -20.35 5.97 4.90
C VAL A 133 -20.11 7.47 5.15
N CYS A 134 -19.02 7.80 5.86
CA CYS A 134 -18.59 9.21 5.96
C CYS A 134 -17.18 9.24 5.44
N PHE A 135 -16.93 10.15 4.52
CA PHE A 135 -15.52 10.44 4.15
C PHE A 135 -15.09 11.71 4.91
N LEU A 136 -13.88 11.70 5.46
CA LEU A 136 -13.33 12.88 6.15
C LEU A 136 -12.05 13.18 5.40
N ASN A 137 -12.08 14.14 4.53
CA ASN A 137 -11.02 14.23 3.50
C ASN A 137 -10.14 15.40 3.64
N ASN A 138 -8.88 15.19 3.22
CA ASN A 138 -7.87 16.30 3.11
C ASN A 138 -7.67 17.10 4.36
N PHE A 139 -7.29 16.40 5.42
CA PHE A 139 -7.08 17.09 6.71
C PHE A 139 -5.67 16.92 7.23
N TYR A 140 -5.32 17.71 8.27
CA TYR A 140 -3.95 17.61 8.85
C TYR A 140 -4.10 18.32 10.20
N PRO A 141 -3.58 17.78 11.30
CA PRO A 141 -2.72 16.60 11.34
C PRO A 141 -3.50 15.32 11.15
N LYS A 142 -2.71 14.24 11.11
CA LYS A 142 -3.29 12.93 10.88
C LYS A 142 -4.28 12.46 11.96
N ASP A 143 -4.02 12.88 13.21
CA ASP A 143 -4.81 12.43 14.35
C ASP A 143 -6.25 12.87 14.17
N ILE A 144 -7.15 11.88 14.19
CA ILE A 144 -8.57 12.19 14.07
C ILE A 144 -9.32 11.03 14.70
N ASN A 145 -10.52 11.31 15.15
CA ASN A 145 -11.44 10.22 15.61
C ASN A 145 -12.84 10.46 15.13
N VAL A 146 -13.55 9.37 14.88
CA VAL A 146 -14.92 9.52 14.36
C VAL A 146 -15.82 8.74 15.36
N LYS A 147 -16.98 9.30 15.58
CA LYS A 147 -18.00 8.74 16.47
C LYS A 147 -19.28 8.62 15.68
N TRP A 148 -19.95 7.46 15.70
CA TRP A 148 -21.24 7.40 14.98
C TRP A 148 -22.41 7.57 15.98
N LYS A 149 -23.48 8.22 15.58
CA LYS A 149 -24.70 8.23 16.43
C LYS A 149 -25.93 7.91 15.61
N ILE A 150 -26.79 7.09 16.23
CA ILE A 150 -28.07 6.72 15.65
C ILE A 150 -29.20 7.23 16.58
N ASP A 151 -30.05 8.08 16.02
CA ASP A 151 -31.08 8.84 16.77
C ASP A 151 -30.50 9.46 18.02
N GLY A 152 -29.27 9.99 17.91
CA GLY A 152 -28.59 10.58 19.06
C GLY A 152 -27.78 9.64 19.96
N SER A 153 -27.80 8.34 19.73
CA SER A 153 -27.00 7.45 20.58
C SER A 153 -25.74 6.90 19.92
N GLU A 154 -24.63 6.96 20.65
CA GLU A 154 -23.37 6.37 20.19
C GLU A 154 -23.43 4.90 19.76
N ARG A 155 -23.02 4.64 18.52
CA ARG A 155 -22.93 3.29 18.01
C ARG A 155 -21.48 2.98 17.75
N GLN A 156 -21.02 1.86 18.30
CA GLN A 156 -19.63 1.46 18.16
C GLN A 156 -19.36 0.20 17.32
N ASN A 157 -20.25 -0.73 17.45
CA ASN A 157 -20.05 -2.00 16.89
C ASN A 157 -20.49 -1.88 15.44
N GLY A 158 -19.80 -2.55 14.58
CA GLY A 158 -20.26 -2.41 13.15
C GLY A 158 -19.55 -1.31 12.34
N VAL A 159 -18.52 -0.73 12.94
CA VAL A 159 -17.82 0.42 12.31
C VAL A 159 -16.48 -0.01 11.78
N LEU A 160 -16.20 0.32 10.51
CA LEU A 160 -14.94 -0.05 9.84
C LEU A 160 -14.28 1.22 9.37
N ASN A 161 -13.05 1.48 9.86
CA ASN A 161 -12.38 2.69 9.52
C ASN A 161 -11.09 2.38 8.71
N SER A 162 -10.78 3.27 7.78
CA SER A 162 -9.57 3.16 6.98
C SER A 162 -8.99 4.55 6.76
N TRP A 163 -7.65 4.67 6.72
CA TRP A 163 -7.01 5.94 6.57
C TRP A 163 -6.03 5.82 5.42
N THR A 164 -5.92 6.89 4.65
CA THR A 164 -4.86 6.95 3.61
C THR A 164 -3.51 7.32 4.24
N ASP A 165 -2.49 6.99 3.48
CA ASP A 165 -1.16 7.56 3.82
C ASP A 165 -1.16 9.04 3.44
N GLN A 166 -0.08 9.70 3.85
CA GLN A 166 0.06 11.12 3.56
C GLN A 166 0.09 11.38 2.07
N ASP A 167 -0.70 12.37 1.61
CA ASP A 167 -0.74 12.76 0.19
C ASP A 167 0.55 13.42 -0.29
N SER A 168 1.10 12.98 -1.44
CA SER A 168 2.41 13.42 -1.80
C SER A 168 2.43 14.74 -2.44
N LYS A 169 1.25 15.31 -2.64
CA LYS A 169 1.13 16.63 -3.22
C LYS A 169 0.77 17.69 -2.17
N ASP A 170 -0.34 17.50 -1.42
CA ASP A 170 -0.73 18.54 -0.46
C ASP A 170 -0.45 18.20 1.00
N SER A 171 0.19 17.03 1.24
CA SER A 171 0.66 16.59 2.57
C SER A 171 -0.54 16.40 3.49
N THR A 172 -1.72 16.14 2.92
CA THR A 172 -2.87 15.92 3.84
C THR A 172 -3.16 14.43 4.00
N TYR A 173 -4.10 14.14 4.89
CA TYR A 173 -4.59 12.75 5.18
C TYR A 173 -6.10 12.72 4.97
N SER A 174 -6.59 11.52 4.66
CA SER A 174 -8.03 11.30 4.51
C SER A 174 -8.46 10.02 5.24
N MET A 175 -9.75 9.95 5.60
CA MET A 175 -10.26 8.80 6.32
C MET A 175 -11.66 8.45 5.80
N SER A 176 -11.95 7.17 5.78
CA SER A 176 -13.33 6.68 5.49
C SER A 176 -13.82 5.88 6.68
N SER A 177 -15.11 6.06 7.05
CA SER A 177 -15.70 5.37 8.15
C SER A 177 -17.03 4.80 7.65
N THR A 178 -17.21 3.51 7.82
CA THR A 178 -18.42 2.81 7.32
C THR A 178 -19.06 2.08 8.48
N LEU A 179 -20.30 2.50 8.77
CA LEU A 179 -21.13 1.86 9.76
C LEU A 179 -22.07 0.89 9.05
N THR A 180 -22.01 -0.41 9.38
CA THR A 180 -22.89 -1.39 8.68
C THR A 180 -23.90 -1.93 9.67
N LEU A 181 -25.16 -1.86 9.23
CA LEU A 181 -26.33 -2.41 9.97
C LEU A 181 -27.08 -3.38 9.10
N THR A 182 -28.01 -4.15 9.67
CA THR A 182 -28.99 -4.84 8.79
C THR A 182 -29.99 -3.86 8.21
N LYS A 183 -30.64 -4.24 7.13
CA LYS A 183 -31.62 -3.37 6.55
C LYS A 183 -32.70 -3.09 7.61
N ASP A 184 -33.02 -4.08 8.42
CA ASP A 184 -34.18 -3.95 9.35
C ASP A 184 -33.78 -3.05 10.51
N GLU A 185 -32.55 -3.25 10.99
CA GLU A 185 -32.05 -2.40 12.08
C GLU A 185 -31.95 -0.93 11.65
N TYR A 186 -31.49 -0.71 10.42
CA TYR A 186 -31.48 0.61 9.78
C TYR A 186 -32.86 1.27 9.66
N GLU A 187 -33.86 0.43 9.39
CA GLU A 187 -35.22 0.97 9.17
C GLU A 187 -35.97 1.25 10.48
N ARG A 188 -35.39 0.88 11.62
CA ARG A 188 -35.95 1.12 12.97
C ARG A 188 -35.54 2.48 13.55
N HIS A 189 -34.69 3.21 12.83
CA HIS A 189 -34.20 4.52 13.27
C HIS A 189 -34.21 5.58 12.20
N ASN A 190 -34.09 6.84 12.59
CA ASN A 190 -34.18 7.91 11.61
C ASN A 190 -32.92 8.73 11.42
N SER A 191 -32.27 9.12 12.53
CA SER A 191 -31.13 10.08 12.43
C SER A 191 -29.81 9.34 12.38
N TYR A 192 -29.01 9.59 11.34
CA TYR A 192 -27.66 8.98 11.23
C TYR A 192 -26.62 10.09 11.17
N THR A 193 -25.67 10.07 12.09
CA THR A 193 -24.63 11.13 12.08
C THR A 193 -23.22 10.64 12.34
N CYS A 194 -22.26 11.22 11.62
CA CYS A 194 -20.86 10.95 11.99
C CYS A 194 -20.30 12.27 12.50
N GLU A 195 -19.49 12.16 13.54
CA GLU A 195 -18.84 13.32 14.16
C GLU A 195 -17.35 13.09 14.23
N ALA A 196 -16.58 14.05 13.72
CA ALA A 196 -15.13 13.89 13.72
C ALA A 196 -14.54 14.74 14.81
N THR A 197 -13.69 14.15 15.68
CA THR A 197 -12.87 14.97 16.59
C THR A 197 -11.51 15.21 15.89
N HIS A 198 -11.13 16.49 15.76
CA HIS A 198 -9.86 16.84 15.12
C HIS A 198 -9.26 18.07 15.81
N LYS A 199 -7.94 18.28 15.64
CA LYS A 199 -7.26 19.48 16.20
C LYS A 199 -8.02 20.78 15.82
N THR A 200 -8.54 20.84 14.60
CA THR A 200 -9.03 22.06 14.00
C THR A 200 -10.36 22.60 14.57
N SER A 201 -10.99 21.85 15.47
CA SER A 201 -12.23 22.36 16.08
C SER A 201 -12.35 21.98 17.52
N THR A 202 -12.93 22.87 18.34
CA THR A 202 -13.02 22.50 19.74
C THR A 202 -14.19 21.57 19.99
N SER A 203 -15.15 21.57 19.08
CA SER A 203 -16.28 20.62 19.15
C SER A 203 -16.32 19.76 17.88
N PRO A 204 -16.84 18.50 17.97
CA PRO A 204 -16.93 17.60 16.76
C PRO A 204 -17.50 18.31 15.52
N ILE A 205 -16.97 18.12 14.27
CA ILE A 205 -17.67 18.59 13.01
C ILE A 205 -18.67 17.45 12.83
N VAL A 206 -19.93 17.77 12.57
CA VAL A 206 -20.88 16.66 12.35
C VAL A 206 -21.55 16.73 11.02
N LYS A 207 -21.80 15.54 10.44
CA LYS A 207 -22.69 15.44 9.28
C LYS A 207 -23.77 14.39 9.59
N SER A 208 -24.95 14.63 9.07
CA SER A 208 -26.13 13.90 9.51
C SER A 208 -27.12 13.87 8.39
N PHE A 209 -27.93 12.81 8.37
CA PHE A 209 -29.13 12.79 7.55
C PHE A 209 -30.19 12.04 8.32
N ASN A 210 -31.45 12.26 7.93
CA ASN A 210 -32.57 11.61 8.58
C ASN A 210 -33.30 10.66 7.63
N ARG A 211 -33.08 9.36 7.75
CA ARG A 211 -33.68 8.32 6.84
C ARG A 211 -35.09 8.65 6.36
N GLU B 1 14.64 -0.04 -21.05
CA GLU B 1 14.37 0.03 -19.57
C GLU B 1 14.28 -1.40 -19.01
N VAL B 2 15.02 -1.62 -17.92
CA VAL B 2 14.89 -2.88 -17.15
C VAL B 2 13.46 -3.09 -16.74
N LYS B 3 12.90 -4.28 -16.96
CA LYS B 3 11.59 -4.62 -16.53
C LYS B 3 11.49 -6.03 -15.94
N LEU B 4 10.78 -6.14 -14.83
CA LEU B 4 10.61 -7.45 -14.12
C LEU B 4 9.17 -7.57 -13.84
N VAL B 5 8.55 -8.61 -14.36
CA VAL B 5 7.09 -8.78 -14.23
C VAL B 5 6.71 -10.07 -13.50
N GLU B 6 6.27 -9.97 -12.26
CA GLU B 6 5.93 -11.15 -11.52
C GLU B 6 4.53 -11.64 -11.85
N SER B 7 4.33 -12.93 -11.78
CA SER B 7 3.00 -13.57 -11.82
C SER B 7 2.91 -14.82 -11.00
N GLY B 8 1.70 -15.39 -10.83
CA GLY B 8 1.51 -16.64 -10.15
C GLY B 8 0.96 -16.54 -8.72
N GLY B 9 0.86 -15.31 -8.27
CA GLY B 9 0.36 -15.07 -6.92
C GLY B 9 -1.15 -15.28 -6.91
N GLY B 10 -1.68 -15.27 -5.72
CA GLY B 10 -3.10 -15.48 -5.54
C GLY B 10 -3.27 -16.03 -4.14
N LEU B 11 -4.49 -16.54 -3.93
CA LEU B 11 -4.86 -17.10 -2.63
C LEU B 11 -4.52 -18.54 -2.61
N VAL B 12 -3.91 -19.01 -1.51
CA VAL B 12 -3.64 -20.42 -1.31
C VAL B 12 -4.00 -20.82 0.13
N GLN B 13 -4.48 -22.05 0.34
CA GLN B 13 -4.82 -22.46 1.71
C GLN B 13 -3.55 -22.71 2.51
N PRO B 14 -3.54 -22.45 3.81
CA PRO B 14 -2.40 -22.94 4.69
C PRO B 14 -2.07 -24.38 4.44
N GLY B 15 -0.78 -24.67 4.26
CA GLY B 15 -0.34 -26.02 3.94
C GLY B 15 -0.13 -26.22 2.47
N GLY B 16 -0.58 -25.25 1.66
CA GLY B 16 -0.51 -25.41 0.21
C GLY B 16 0.77 -24.84 -0.37
N SER B 17 0.81 -24.87 -1.70
CA SER B 17 2.01 -24.52 -2.47
C SER B 17 1.62 -23.53 -3.55
N LEU B 18 2.61 -22.80 -4.07
CA LEU B 18 2.36 -21.84 -5.14
C LEU B 18 3.69 -21.77 -5.91
N SER B 19 3.60 -21.49 -7.23
CA SER B 19 4.85 -21.24 -8.08
C SER B 19 4.75 -19.87 -8.70
N LEU B 20 5.67 -19.02 -8.28
CA LEU B 20 5.74 -17.67 -8.89
C LEU B 20 6.70 -17.63 -10.03
N SER B 21 6.46 -16.72 -10.97
CA SER B 21 7.34 -16.56 -12.13
C SER B 21 7.62 -15.12 -12.27
N CYS B 22 8.74 -14.83 -12.88
CA CYS B 22 9.12 -13.40 -13.12
C CYS B 22 9.71 -13.29 -14.49
N ALA B 23 9.07 -12.51 -15.37
CA ALA B 23 9.60 -12.35 -16.71
C ALA B 23 10.55 -11.13 -16.81
N ALA B 24 11.79 -11.36 -17.16
CA ALA B 24 12.79 -10.27 -17.20
C ALA B 24 12.94 -9.76 -18.63
N SER B 25 13.16 -8.47 -18.79
CA SER B 25 13.47 -7.88 -20.12
C SER B 25 14.24 -6.59 -19.97
N GLY B 26 14.86 -6.13 -21.04
CA GLY B 26 15.58 -4.83 -20.95
C GLY B 26 16.99 -4.86 -20.38
N PHE B 27 17.57 -6.05 -20.19
CA PHE B 27 18.98 -6.18 -19.79
C PHE B 27 19.40 -7.59 -20.16
N THR B 28 20.72 -7.81 -20.06
CA THR B 28 21.27 -9.15 -20.38
C THR B 28 21.02 -10.05 -19.17
N PHE B 29 19.97 -10.87 -19.26
CA PHE B 29 19.55 -11.67 -18.10
C PHE B 29 20.67 -12.51 -17.60
N SER B 30 21.47 -13.13 -18.50
CA SER B 30 22.55 -14.08 -18.09
C SER B 30 23.70 -13.40 -17.30
N ASP B 31 23.78 -12.06 -17.34
CA ASP B 31 24.87 -11.38 -16.67
C ASP B 31 24.57 -11.05 -15.22
N TYR B 32 23.36 -11.34 -14.76
CA TYR B 32 22.95 -10.88 -13.37
C TYR B 32 22.53 -12.02 -12.45
N TYR B 33 23.00 -11.87 -11.20
CA TYR B 33 22.36 -12.63 -10.14
C TYR B 33 20.96 -12.06 -9.86
N MET B 34 19.98 -12.89 -9.45
CA MET B 34 18.59 -12.49 -9.30
C MET B 34 18.08 -12.92 -7.92
N THR B 35 17.08 -12.22 -7.44
CA THR B 35 16.58 -12.54 -6.11
C THR B 35 15.06 -12.44 -6.01
N TRP B 36 14.52 -13.02 -4.91
CA TRP B 36 13.13 -12.76 -4.56
C TRP B 36 13.14 -12.10 -3.20
N VAL B 37 12.28 -11.09 -3.04
CA VAL B 37 12.22 -10.35 -1.74
C VAL B 37 10.75 -10.18 -1.51
N ARG B 38 10.23 -10.30 -0.28
CA ARG B 38 8.79 -10.09 -0.09
C ARG B 38 8.55 -8.98 0.91
N GLN B 39 7.30 -8.48 0.98
CA GLN B 39 7.02 -7.36 1.93
C GLN B 39 5.58 -7.54 2.38
N ALA B 40 5.45 -7.75 3.68
CA ALA B 40 4.08 -7.73 4.32
C ALA B 40 3.62 -6.29 4.64
N PRO B 41 2.27 -5.97 4.70
CA PRO B 41 2.00 -4.50 4.77
C PRO B 41 2.46 -3.91 6.10
N GLY B 42 2.96 -2.67 6.08
CA GLY B 42 3.66 -2.05 7.24
C GLY B 42 4.85 -2.82 7.85
N LYS B 43 5.52 -3.68 7.08
CA LYS B 43 6.75 -4.29 7.55
C LYS B 43 7.84 -3.93 6.54
N ALA B 44 9.10 -4.03 6.99
CA ALA B 44 10.23 -3.85 6.07
C ALA B 44 10.27 -5.03 5.07
N PRO B 45 10.92 -4.84 3.90
CA PRO B 45 11.17 -5.97 2.91
C PRO B 45 11.93 -7.08 3.64
N GLU B 46 11.72 -8.31 3.20
CA GLU B 46 12.43 -9.45 3.71
C GLU B 46 13.03 -10.19 2.49
N TRP B 47 14.36 -10.23 2.42
CA TRP B 47 15.01 -10.99 1.36
C TRP B 47 14.81 -12.50 1.55
N LEU B 48 14.45 -13.19 0.46
CA LEU B 48 14.20 -14.64 0.59
C LEU B 48 15.22 -15.50 -0.11
N ALA B 49 15.68 -15.13 -1.30
CA ALA B 49 16.56 -16.08 -2.03
C ALA B 49 17.36 -15.30 -3.07
N LEU B 50 18.54 -15.84 -3.42
CA LEU B 50 19.34 -15.28 -4.51
C LEU B 50 19.79 -16.49 -5.33
N ILE B 51 19.83 -16.30 -6.67
CA ILE B 51 20.44 -17.35 -7.53
C ILE B 51 21.52 -16.67 -8.33
N ARG B 52 22.65 -17.34 -8.45
CA ARG B 52 23.76 -16.82 -9.22
C ARG B 52 23.53 -17.19 -10.69
N ASN B 53 24.58 -17.02 -11.50
CA ASN B 53 24.46 -17.29 -12.95
C ASN B 53 25.37 -18.46 -13.34
N LYS B 54 25.53 -18.69 -14.63
CA LYS B 54 26.02 -20.04 -14.99
C LYS B 54 27.44 -20.27 -14.51
N ARG B 55 28.28 -19.25 -14.55
CA ARG B 55 29.63 -19.42 -14.10
C ARG B 55 29.71 -20.01 -12.70
N ASN B 56 28.76 -19.64 -11.81
CA ASN B 56 28.75 -20.08 -10.42
C ASN B 56 27.83 -21.27 -10.28
N GLY B 57 27.45 -21.86 -11.42
CA GLY B 57 26.61 -23.07 -11.33
C GLY B 57 25.13 -22.88 -11.05
N ASP B 58 24.66 -21.64 -11.18
CA ASP B 58 23.31 -21.31 -10.79
C ASP B 58 23.01 -21.67 -9.36
N THR B 59 24.01 -21.54 -8.52
CA THR B 59 23.92 -21.89 -7.12
C THR B 59 23.07 -20.84 -6.39
N ALA B 60 22.60 -21.19 -5.20
CA ALA B 60 21.57 -20.31 -4.61
C ALA B 60 21.81 -20.14 -3.13
N GLU B 61 21.16 -19.10 -2.58
CA GLU B 61 21.19 -18.84 -1.13
C GLU B 61 19.79 -18.52 -0.66
N TYR B 62 19.44 -18.90 0.59
CA TYR B 62 18.10 -18.70 1.07
C TYR B 62 18.08 -18.11 2.45
N SER B 63 17.03 -17.36 2.78
CA SER B 63 16.85 -17.00 4.19
C SER B 63 16.42 -18.19 5.01
N ALA B 64 16.73 -18.12 6.33
CA ALA B 64 16.33 -19.24 7.22
C ALA B 64 14.82 -19.44 7.18
N SER B 65 14.09 -18.32 7.01
CA SER B 65 12.62 -18.36 7.04
C SER B 65 12.02 -19.22 5.91
N VAL B 66 12.78 -19.46 4.86
CA VAL B 66 12.21 -20.25 3.76
C VAL B 66 13.06 -21.43 3.32
N LYS B 67 14.30 -21.55 3.83
CA LYS B 67 15.20 -22.57 3.37
C LYS B 67 14.52 -23.95 3.59
N GLY B 68 14.60 -24.79 2.59
CA GLY B 68 13.95 -26.11 2.69
C GLY B 68 12.50 -26.17 2.23
N ARG B 69 11.81 -25.03 2.13
CA ARG B 69 10.41 -24.96 1.77
C ARG B 69 10.30 -24.29 0.40
N PHE B 70 11.18 -23.32 0.10
CA PHE B 70 11.11 -22.56 -1.20
C PHE B 70 12.31 -22.86 -2.05
N THR B 71 12.18 -22.84 -3.40
CA THR B 71 13.24 -23.16 -4.28
C THR B 71 13.28 -22.11 -5.36
N ILE B 72 14.45 -21.47 -5.53
CA ILE B 72 14.63 -20.53 -6.60
C ILE B 72 15.28 -21.20 -7.79
N SER B 73 14.85 -20.79 -8.99
CA SER B 73 15.44 -21.33 -10.25
C SER B 73 15.34 -20.34 -11.37
N ARG B 74 16.05 -20.57 -12.47
CA ARG B 74 16.03 -19.58 -13.56
C ARG B 74 16.10 -20.33 -14.90
N ASP B 75 15.44 -19.74 -15.88
CA ASP B 75 15.31 -20.35 -17.21
C ASP B 75 15.90 -19.36 -18.18
N TYR B 76 17.09 -19.68 -18.72
CA TYR B 76 17.75 -18.75 -19.63
C TYR B 76 17.13 -18.71 -21.01
N SER B 77 16.38 -19.76 -21.35
CA SER B 77 15.71 -19.76 -22.69
C SER B 77 14.64 -18.65 -22.84
N ARG B 78 14.03 -18.24 -21.75
CA ARG B 78 12.92 -17.32 -21.74
C ARG B 78 13.19 -16.12 -20.85
N SER B 79 14.33 -16.12 -20.21
CA SER B 79 14.67 -15.05 -19.17
C SER B 79 13.62 -14.98 -18.09
N ILE B 80 13.32 -16.11 -17.48
CA ILE B 80 12.33 -16.16 -16.43
C ILE B 80 12.95 -16.68 -15.14
N LEU B 81 12.60 -16.03 -14.07
CA LEU B 81 13.05 -16.43 -12.71
C LEU B 81 11.84 -17.05 -12.02
N HIS B 82 12.04 -18.16 -11.33
CA HIS B 82 10.95 -18.83 -10.66
C HIS B 82 11.16 -18.96 -9.14
N LEU B 83 10.08 -19.04 -8.38
CA LEU B 83 10.16 -19.40 -6.95
C LEU B 83 9.06 -20.40 -6.64
N GLN B 84 9.43 -21.64 -6.27
CA GLN B 84 8.43 -22.64 -5.87
C GLN B 84 8.31 -22.57 -4.39
N MET B 85 7.08 -22.41 -3.90
CA MET B 85 6.83 -22.21 -2.47
C MET B 85 5.96 -23.34 -1.94
N ASN B 86 6.51 -24.06 -0.98
CA ASN B 86 5.74 -25.12 -0.30
C ASN B 86 5.46 -24.81 1.16
N ALA B 87 4.51 -25.57 1.73
CA ALA B 87 4.25 -25.54 3.16
C ALA B 87 3.96 -24.14 3.60
N LEU B 88 3.08 -23.47 2.84
CA LEU B 88 2.80 -22.06 3.17
C LEU B 88 1.98 -21.86 4.45
N ARG B 89 2.22 -20.76 5.12
CA ARG B 89 1.49 -20.46 6.34
C ARG B 89 0.95 -19.06 6.21
N THR B 90 0.01 -18.71 7.09
CA THR B 90 -0.60 -17.39 7.07
C THR B 90 0.46 -16.29 7.10
N GLU B 91 1.56 -16.55 7.81
CA GLU B 91 2.63 -15.58 7.91
C GLU B 91 3.40 -15.44 6.61
N ASP B 92 3.02 -16.26 5.62
CA ASP B 92 3.67 -16.22 4.31
C ASP B 92 2.94 -15.29 3.36
N SER B 93 1.94 -14.57 3.88
CA SER B 93 1.16 -13.63 3.07
C SER B 93 1.97 -12.35 2.87
N ALA B 94 2.06 -11.90 1.62
CA ALA B 94 2.85 -10.67 1.35
C ALA B 94 2.82 -10.36 -0.12
N THR B 95 3.43 -9.22 -0.47
CA THR B 95 3.70 -8.94 -1.90
C THR B 95 5.08 -9.51 -2.19
N TYR B 96 5.15 -10.34 -3.24
CA TYR B 96 6.45 -10.95 -3.61
C TYR B 96 7.03 -10.23 -4.81
N TYR B 97 8.31 -9.87 -4.71
CA TYR B 97 9.00 -9.14 -5.71
C TYR B 97 10.19 -9.89 -6.30
N CYS B 98 10.29 -9.84 -7.61
CA CYS B 98 11.43 -10.20 -8.37
C CYS B 98 12.40 -9.01 -8.36
N VAL B 99 13.62 -9.23 -7.93
CA VAL B 99 14.55 -8.15 -7.78
C VAL B 99 15.95 -8.46 -8.30
N ARG B 100 16.50 -7.61 -9.15
CA ARG B 100 17.80 -7.88 -9.75
C ARG B 100 18.89 -7.43 -8.78
N GLN B 101 19.96 -8.21 -8.62
CA GLN B 101 21.19 -7.69 -7.97
C GLN B 101 22.09 -7.03 -9.00
N GLY B 102 22.45 -5.78 -8.79
CA GLY B 102 23.36 -5.14 -9.75
C GLY B 102 24.77 -5.21 -9.23
N ARG B 103 25.62 -4.43 -9.83
CA ARG B 103 26.96 -4.46 -9.37
C ARG B 103 27.00 -3.81 -8.00
N GLY B 104 27.89 -4.29 -7.21
CA GLY B 104 28.17 -3.81 -5.89
C GLY B 104 27.22 -4.29 -4.82
N TYR B 105 26.69 -5.48 -4.99
CA TYR B 105 25.80 -6.09 -4.00
C TYR B 105 24.58 -5.27 -3.67
N THR B 106 24.13 -4.58 -4.68
CA THR B 106 22.87 -3.83 -4.56
C THR B 106 21.71 -4.49 -5.21
N LEU B 107 20.54 -4.33 -4.60
CA LEU B 107 19.30 -4.78 -5.26
C LEU B 107 18.71 -3.61 -6.07
N ASP B 108 19.00 -3.58 -7.37
CA ASP B 108 18.82 -2.30 -8.07
C ASP B 108 17.50 -2.09 -8.75
N TYR B 109 16.85 -3.14 -9.27
CA TYR B 109 15.58 -2.91 -9.95
C TYR B 109 14.60 -3.93 -9.35
N TRP B 110 13.40 -3.47 -8.98
CA TRP B 110 12.37 -4.33 -8.35
C TRP B 110 11.14 -4.38 -9.26
N GLY B 111 10.51 -5.55 -9.40
CA GLY B 111 9.25 -5.62 -10.15
C GLY B 111 8.12 -4.93 -9.44
N GLN B 112 6.97 -4.96 -10.09
CA GLN B 112 5.77 -4.45 -9.51
C GLN B 112 5.22 -5.24 -8.32
N GLY B 113 5.58 -6.52 -8.28
CA GLY B 113 5.14 -7.41 -7.22
C GLY B 113 3.91 -8.22 -7.59
N THR B 114 3.82 -9.39 -6.97
CA THR B 114 2.63 -10.23 -7.07
C THR B 114 2.11 -10.52 -5.68
N SER B 115 0.79 -10.41 -5.50
CA SER B 115 0.27 -10.49 -4.14
C SER B 115 0.01 -11.95 -3.81
N VAL B 116 0.39 -12.40 -2.61
CA VAL B 116 0.09 -13.77 -2.16
C VAL B 116 -0.61 -13.68 -0.84
N THR B 117 -1.74 -14.38 -0.77
CA THR B 117 -2.48 -14.47 0.52
C THR B 117 -2.61 -15.91 0.90
N VAL B 118 -2.19 -16.22 2.11
CA VAL B 118 -2.35 -17.65 2.57
C VAL B 118 -3.42 -17.60 3.62
N SER B 119 -4.55 -18.25 3.36
CA SER B 119 -5.71 -18.13 4.22
C SER B 119 -6.71 -19.23 3.93
N SER B 120 -7.49 -19.62 4.93
CA SER B 120 -8.47 -20.65 4.70
C SER B 120 -9.83 -20.06 4.32
N ALA B 121 -9.87 -18.79 4.33
CA ALA B 121 -11.01 -18.03 3.81
C ALA B 121 -11.18 -18.16 2.31
N LYS B 122 -12.42 -18.27 1.84
CA LYS B 122 -12.71 -18.56 0.46
C LYS B 122 -12.84 -17.33 -0.44
N THR B 123 -12.59 -17.54 -1.74
CA THR B 123 -12.73 -16.46 -2.64
C THR B 123 -14.17 -16.05 -2.74
N THR B 124 -14.44 -14.75 -2.57
CA THR B 124 -15.80 -14.20 -2.84
C THR B 124 -15.64 -12.91 -3.56
N ALA B 125 -16.49 -12.73 -4.56
CA ALA B 125 -16.48 -11.48 -5.35
C ALA B 125 -17.10 -10.30 -4.61
N PRO B 126 -16.68 -9.09 -4.93
CA PRO B 126 -17.27 -7.95 -4.21
C PRO B 126 -18.66 -7.51 -4.67
N SER B 127 -19.44 -7.03 -3.72
CA SER B 127 -20.59 -6.13 -4.04
C SER B 127 -20.07 -4.70 -4.23
N VAL B 128 -20.54 -3.99 -5.25
CA VAL B 128 -20.05 -2.60 -5.48
C VAL B 128 -21.27 -1.71 -5.37
N TYR B 129 -21.22 -0.78 -4.42
CA TYR B 129 -22.38 0.11 -4.16
C TYR B 129 -22.07 1.54 -4.46
N PRO B 130 -22.93 2.21 -5.25
CA PRO B 130 -22.63 3.60 -5.64
C PRO B 130 -23.04 4.54 -4.50
N LEU B 131 -22.25 5.56 -4.26
CA LEU B 131 -22.54 6.44 -3.13
C LEU B 131 -22.80 7.82 -3.71
N ALA B 132 -24.08 8.18 -3.77
CA ALA B 132 -24.45 9.46 -4.36
C ALA B 132 -24.73 10.41 -3.20
N PRO B 133 -24.58 11.71 -3.43
CA PRO B 133 -24.78 12.65 -2.32
C PRO B 133 -26.17 12.57 -1.65
N VAL B 134 -26.26 12.98 -0.40
CA VAL B 134 -27.58 13.13 0.20
C VAL B 134 -28.43 14.08 -0.65
N GLY B 140 -22.90 22.89 -2.61
CA GLY B 140 -22.49 23.96 -3.53
C GLY B 140 -20.99 24.08 -3.77
N SER B 141 -20.62 24.22 -5.04
CA SER B 141 -19.26 24.40 -5.52
C SER B 141 -18.61 23.12 -6.02
N SER B 142 -18.38 22.19 -5.11
CA SER B 142 -17.89 20.87 -5.54
C SER B 142 -18.70 19.77 -4.90
N VAL B 143 -18.61 18.58 -5.48
CA VAL B 143 -19.43 17.50 -4.98
C VAL B 143 -18.54 16.29 -4.78
N THR B 144 -18.81 15.54 -3.73
CA THR B 144 -18.07 14.32 -3.47
C THR B 144 -19.01 13.14 -3.66
N LEU B 145 -18.52 12.15 -4.44
CA LEU B 145 -19.28 10.94 -4.70
C LEU B 145 -18.43 9.80 -4.18
N GLY B 146 -19.05 8.62 -4.02
CA GLY B 146 -18.24 7.50 -3.55
C GLY B 146 -18.59 6.15 -4.13
N CYS B 147 -17.82 5.16 -3.74
CA CYS B 147 -18.05 3.78 -4.19
C CYS B 147 -17.64 2.91 -3.02
N LEU B 148 -18.55 2.03 -2.58
CA LEU B 148 -18.35 1.15 -1.46
C LEU B 148 -18.20 -0.28 -1.99
N VAL B 149 -17.11 -0.97 -1.60
CA VAL B 149 -16.85 -2.30 -2.16
C VAL B 149 -16.77 -3.27 -0.97
N LYS B 150 -17.74 -4.18 -0.88
CA LYS B 150 -17.87 -5.10 0.28
C LYS B 150 -17.96 -6.54 -0.04
N GLY B 151 -17.67 -7.39 0.95
CA GLY B 151 -18.08 -8.78 0.82
C GLY B 151 -17.06 -9.63 0.09
N TYR B 152 -15.84 -9.09 -0.09
CA TYR B 152 -14.83 -9.81 -1.02
C TYR B 152 -13.66 -10.39 -0.28
N PHE B 153 -13.05 -11.36 -0.96
CA PHE B 153 -11.81 -11.96 -0.49
C PHE B 153 -11.20 -12.73 -1.68
N PRO B 154 -9.86 -12.75 -1.85
CA PRO B 154 -8.86 -12.00 -1.06
C PRO B 154 -8.66 -10.60 -1.66
N GLU B 155 -7.72 -9.82 -1.08
CA GLU B 155 -7.23 -8.60 -1.80
C GLU B 155 -6.32 -9.12 -2.89
N PRO B 156 -6.05 -8.33 -3.96
CA PRO B 156 -6.40 -6.95 -4.12
C PRO B 156 -7.64 -6.86 -5.02
N VAL B 157 -8.32 -5.73 -4.89
CA VAL B 157 -9.16 -5.20 -6.00
C VAL B 157 -8.44 -4.05 -6.61
N THR B 158 -8.80 -3.64 -7.82
CA THR B 158 -8.29 -2.43 -8.40
C THR B 158 -9.52 -1.58 -8.70
N LEU B 159 -9.59 -0.40 -8.13
CA LEU B 159 -10.67 0.48 -8.30
C LEU B 159 -10.26 1.68 -9.17
N THR B 160 -11.03 1.98 -10.22
CA THR B 160 -10.78 3.22 -10.97
C THR B 160 -12.09 3.94 -11.11
N TRP B 161 -11.97 5.20 -11.57
CA TRP B 161 -13.13 6.05 -11.91
C TRP B 161 -13.14 6.36 -13.39
N ASN B 162 -14.30 6.21 -14.03
CA ASN B 162 -14.37 6.33 -15.50
C ASN B 162 -13.22 5.60 -16.23
N SER B 163 -13.01 4.32 -15.88
CA SER B 163 -12.03 3.45 -16.55
C SER B 163 -10.64 4.01 -16.55
N GLY B 164 -10.35 4.85 -15.54
CA GLY B 164 -9.00 5.44 -15.30
C GLY B 164 -8.83 6.86 -15.84
N SER B 165 -9.80 7.31 -16.62
CA SER B 165 -9.83 8.70 -17.14
C SER B 165 -10.04 9.76 -16.06
N LEU B 166 -10.66 9.39 -14.94
CA LEU B 166 -10.87 10.32 -13.83
C LEU B 166 -9.93 9.89 -12.69
N SER B 167 -8.80 10.59 -12.51
CA SER B 167 -7.79 10.16 -11.51
C SER B 167 -7.51 11.25 -10.46
N SER B 168 -7.82 12.51 -10.77
CA SER B 168 -7.69 13.66 -9.84
C SER B 168 -8.79 13.74 -8.82
N GLY B 169 -8.49 14.22 -7.62
CA GLY B 169 -9.54 14.32 -6.63
C GLY B 169 -10.04 12.99 -6.02
N VAL B 170 -9.28 11.90 -6.17
CA VAL B 170 -9.74 10.58 -5.72
C VAL B 170 -9.01 10.22 -4.46
N HIS B 171 -9.73 9.64 -3.51
CA HIS B 171 -9.10 8.97 -2.40
C HIS B 171 -9.64 7.55 -2.34
N THR B 172 -8.73 6.61 -2.63
CA THR B 172 -9.01 5.17 -2.49
C THR B 172 -8.35 4.63 -1.24
N PHE B 173 -9.21 4.19 -0.34
CA PHE B 173 -8.80 3.81 1.01
C PHE B 173 -8.30 2.39 1.07
N PRO B 174 -7.30 2.14 1.92
CA PRO B 174 -6.82 0.77 2.06
C PRO B 174 -7.94 -0.19 2.50
N ALA B 175 -7.94 -1.39 1.95
CA ALA B 175 -8.94 -2.40 2.30
C ALA B 175 -8.71 -2.80 3.77
N VAL B 176 -9.84 -3.04 4.43
CA VAL B 176 -9.89 -3.53 5.82
C VAL B 176 -10.63 -4.84 5.95
N LEU B 177 -10.06 -5.75 6.70
CA LEU B 177 -10.62 -7.06 6.83
C LEU B 177 -11.45 -7.21 8.09
N GLN B 178 -12.66 -7.72 7.93
CA GLN B 178 -13.54 -8.02 9.03
C GLN B 178 -14.13 -9.40 8.86
N SER B 179 -13.83 -10.29 9.78
CA SER B 179 -14.47 -11.58 9.71
C SER B 179 -14.28 -12.21 8.33
N GLY B 180 -13.08 -12.24 7.80
CA GLY B 180 -12.94 -12.80 6.47
C GLY B 180 -13.50 -12.12 5.21
N LEU B 181 -13.94 -10.90 5.30
CA LEU B 181 -14.34 -10.22 4.16
C LEU B 181 -13.77 -8.83 4.24
N TYR B 182 -13.18 -8.38 3.15
CA TYR B 182 -12.76 -7.02 3.02
C TYR B 182 -13.84 -6.03 2.67
N THR B 183 -13.64 -4.82 3.18
CA THR B 183 -14.31 -3.62 2.68
C THR B 183 -13.30 -2.64 2.17
N LEU B 184 -13.60 -2.03 1.03
CA LEU B 184 -12.78 -0.93 0.51
C LEU B 184 -13.71 0.17 0.07
N SER B 185 -13.24 1.43 0.02
CA SER B 185 -14.08 2.47 -0.49
C SER B 185 -13.19 3.47 -1.20
N SER B 186 -13.84 4.31 -1.98
CA SER B 186 -13.18 5.38 -2.68
C SER B 186 -14.09 6.57 -2.83
N SER B 187 -13.55 7.75 -2.62
CA SER B 187 -14.29 8.98 -2.89
C SER B 187 -13.69 9.71 -4.11
N VAL B 188 -14.54 10.46 -4.83
CA VAL B 188 -14.02 11.31 -5.91
C VAL B 188 -14.72 12.65 -5.80
N THR B 189 -13.91 13.71 -5.91
CA THR B 189 -14.43 15.09 -5.73
C THR B 189 -14.24 15.83 -7.02
N VAL B 190 -15.37 16.38 -7.51
CA VAL B 190 -15.39 17.11 -8.81
C VAL B 190 -16.20 18.43 -8.64
N THR B 191 -16.11 19.32 -9.61
CA THR B 191 -16.95 20.53 -9.57
C THR B 191 -18.41 20.16 -9.69
N SER B 192 -19.28 20.87 -8.96
CA SER B 192 -20.74 20.69 -9.08
C SER B 192 -21.26 20.90 -10.51
N SER B 193 -20.48 21.60 -11.33
CA SER B 193 -20.81 21.73 -12.77
C SER B 193 -20.42 20.49 -13.62
N THR B 194 -19.61 19.59 -13.04
CA THR B 194 -19.19 18.35 -13.71
C THR B 194 -20.25 17.25 -13.57
N TRP B 195 -20.87 17.19 -12.40
CA TRP B 195 -21.80 16.10 -12.11
C TRP B 195 -23.13 16.62 -11.57
N PRO B 196 -24.28 16.03 -11.96
CA PRO B 196 -24.52 14.81 -12.78
C PRO B 196 -24.47 15.03 -14.28
N SER B 197 -24.16 16.25 -14.73
CA SER B 197 -24.20 16.49 -16.17
C SER B 197 -23.26 15.57 -16.94
N GLN B 198 -22.07 15.28 -16.40
CA GLN B 198 -21.22 14.26 -16.99
C GLN B 198 -21.18 13.00 -16.12
N SER B 199 -21.08 11.87 -16.81
CA SER B 199 -21.12 10.52 -16.25
C SER B 199 -19.89 10.21 -15.37
N ILE B 200 -20.16 9.65 -14.18
CA ILE B 200 -19.08 9.25 -13.30
C ILE B 200 -19.42 7.84 -12.90
N THR B 201 -18.47 6.94 -13.16
CA THR B 201 -18.70 5.47 -12.93
C THR B 201 -17.49 4.86 -12.15
N CYS B 202 -17.79 4.12 -11.09
CA CYS B 202 -16.84 3.31 -10.26
C CYS B 202 -16.56 2.01 -11.03
N ASN B 203 -15.30 1.63 -11.28
CA ASN B 203 -15.03 0.28 -11.88
C ASN B 203 -14.16 -0.51 -10.91
N VAL B 204 -14.56 -1.75 -10.63
CA VAL B 204 -13.81 -2.50 -9.60
C VAL B 204 -13.46 -3.80 -10.21
N ALA B 205 -12.14 -4.03 -10.34
CA ALA B 205 -11.67 -5.34 -10.87
C ALA B 205 -11.23 -6.23 -9.72
N HIS B 206 -11.64 -7.51 -9.74
CA HIS B 206 -11.19 -8.42 -8.69
C HIS B 206 -10.64 -9.65 -9.38
N PRO B 207 -9.34 -9.68 -9.64
CA PRO B 207 -8.83 -10.84 -10.40
C PRO B 207 -9.12 -12.21 -9.78
N ALA B 208 -9.08 -12.29 -8.45
CA ALA B 208 -9.33 -13.55 -7.76
C ALA B 208 -10.70 -14.12 -8.13
N SER B 209 -11.66 -13.30 -8.51
CA SER B 209 -12.95 -13.83 -8.91
C SER B 209 -13.20 -13.58 -10.40
N SER B 210 -12.19 -13.09 -11.14
CA SER B 210 -12.32 -12.75 -12.55
C SER B 210 -13.56 -11.89 -12.79
N THR B 211 -13.76 -10.89 -11.94
CA THR B 211 -14.91 -10.00 -12.06
C THR B 211 -14.48 -8.56 -12.30
N LYS B 212 -15.17 -7.85 -13.19
CA LYS B 212 -14.97 -6.41 -13.36
C LYS B 212 -16.38 -5.69 -13.26
N VAL B 213 -16.69 -4.95 -12.16
CA VAL B 213 -18.02 -4.40 -11.98
C VAL B 213 -17.98 -2.91 -12.23
N ASP B 214 -18.92 -2.39 -13.02
CA ASP B 214 -19.01 -0.95 -13.27
C ASP B 214 -20.28 -0.44 -12.60
N LYS B 215 -20.16 0.67 -11.84
CA LYS B 215 -21.36 1.20 -11.16
C LYS B 215 -21.38 2.67 -11.41
N LYS B 216 -22.33 3.12 -12.25
CA LYS B 216 -22.55 4.56 -12.42
C LYS B 216 -23.24 5.20 -11.18
N ILE B 217 -22.70 6.34 -10.76
CA ILE B 217 -23.30 7.03 -9.63
C ILE B 217 -24.47 7.91 -10.16
N GLU B 218 -25.65 7.68 -9.65
CA GLU B 218 -26.88 8.43 -10.08
C GLU B 218 -27.38 9.29 -8.94
N PRO B 219 -27.90 10.47 -9.27
CA PRO B 219 -28.68 11.24 -8.29
C PRO B 219 -29.76 10.41 -7.64
C1 KDO C . 31.27 -7.75 -10.83
O1A KDO C . 31.49 -7.06 -9.83
O1B KDO C . 30.20 -7.73 -11.51
C2 KDO C . 32.42 -8.62 -11.26
O2 KDO C . 33.48 -7.75 -11.87
C3 KDO C . 33.12 -9.41 -10.10
C4 KDO C . 34.24 -10.26 -10.68
O4 KDO C . 34.70 -11.14 -9.72
C5 KDO C . 33.55 -11.18 -11.80
O5 KDO C . 32.66 -12.06 -11.03
C6 KDO C . 32.82 -10.36 -12.83
O6 KDO C . 31.93 -9.48 -12.29
C7 KDO C . 32.11 -11.21 -13.96
O7 KDO C . 32.98 -12.27 -14.43
C8 KDO C . 31.77 -10.26 -15.12
O8 KDO C . 30.81 -10.88 -16.01
P GM0 C . 36.04 -16.61 -8.53
C1 GM0 C . 32.41 -13.38 -11.48
O1A GM0 C . 36.38 -17.27 -9.91
C2 GM0 C . 31.86 -14.21 -10.33
O2 GM0 C . 31.53 -15.57 -10.80
C3 GM0 C . 33.03 -14.48 -9.25
O3 GM0 C . 32.49 -15.25 -8.27
C4 GM0 C . 34.20 -15.23 -9.94
O4 GM0 C . 35.40 -15.26 -9.02
C5 GM0 C . 34.68 -14.30 -11.04
O5 GM0 C . 33.65 -14.04 -12.01
C6 GM0 C . 35.94 -14.80 -11.86
O6 GM0 C . 35.81 -16.21 -12.17
C7 GM0 C . 36.03 -14.09 -13.17
O7 GM0 C . 37.48 -14.24 -13.55
O8 GM0 C . 37.33 -16.17 -7.58
O9 GM0 C . 35.39 -17.51 -7.63
P GM0 C . 28.65 -14.43 -3.55
C1 GM0 C . 32.95 -14.89 -6.92
O1A GM0 C . 29.40 -15.10 -2.46
C2 GM0 C . 32.75 -16.10 -5.98
O2 GM0 C . 33.44 -15.79 -4.74
C3 GM0 C . 31.24 -16.25 -5.71
O3 GM0 C . 31.17 -17.09 -4.65
C4 GM0 C . 30.71 -14.84 -5.24
O4 GM0 C . 29.25 -14.85 -5.00
C5 GM0 C . 30.89 -13.82 -6.36
O5 GM0 C . 32.30 -13.61 -6.58
C6 GM0 C . 30.30 -12.44 -6.06
O6 GM0 C . 30.78 -11.99 -4.74
C7 GM0 C . 30.79 -11.40 -7.03
O7 GM0 C . 29.93 -10.28 -6.84
O8 GM0 C . 28.70 -12.95 -3.47
O9 GM0 C . 27.25 -14.91 -3.59
C1 GLC C . 29.99 -17.90 -4.46
C2 GLC C . 29.87 -18.53 -3.08
C3 GLC C . 30.97 -19.66 -3.04
C4 GLC C . 30.58 -20.63 -4.23
C5 GLC C . 30.75 -19.89 -5.53
C6 GLC C . 30.53 -20.75 -6.81
O2 GLC C . 30.16 -17.50 -2.16
O3 GLC C . 31.11 -20.31 -1.79
O4 GLC C . 31.60 -21.70 -4.17
O5 GLC C . 29.71 -18.82 -5.61
O6 GLC C . 31.22 -20.29 -7.95
C1 GLC C . 30.04 -20.43 -0.98
C2 GLC C . 30.62 -20.81 0.44
C3 GLC C . 31.34 -22.12 0.34
C4 GLC C . 30.41 -23.19 -0.13
C5 GLC C . 29.89 -22.72 -1.59
C6 GLC C . 28.84 -23.61 -2.24
O2 GLC C . 31.56 -19.76 0.81
O3 GLC C . 31.77 -22.52 1.68
O4 GLC C . 31.14 -24.48 -0.20
O5 GLC C . 29.11 -21.46 -1.42
O6 GLC C . 27.75 -23.76 -1.32
C1 GLC C . 30.93 -18.63 1.38
C2 GLC C . 31.99 -17.62 1.81
C3 GLC C . 32.89 -18.27 2.86
C4 GLC C . 32.06 -18.70 4.05
C5 GLC C . 30.97 -19.70 3.58
C6 GLC C . 30.05 -20.04 4.74
O2 GLC C . 32.82 -17.23 0.73
O3 GLC C . 33.85 -17.29 3.31
O4 GLC C . 32.96 -19.41 4.91
O5 GLC C . 30.16 -19.09 2.54
O6 GLC C . 29.23 -18.87 5.08
C1 PA1 C . 32.40 -16.01 0.07
C2 PA1 C . 33.15 -15.83 -1.26
N2 PA1 C . 32.92 -17.03 -2.13
C3 PA1 C . 34.65 -15.61 -1.04
O3 PA1 C . 35.25 -15.24 -2.30
C4 PA1 C . 34.87 -14.46 0.00
O4 PA1 C . 36.28 -14.24 0.22
C5 PA1 C . 34.12 -14.83 1.25
O5 PA1 C . 32.68 -14.83 0.91
C6 PA1 C . 34.34 -13.79 2.38
O6 PA1 C . 33.66 -12.58 2.02
C1 GLA C . 32.59 -20.68 -7.79
C2 GLA C . 33.36 -20.00 -8.84
C3 GLA C . 32.95 -20.55 -10.22
C4 GLA C . 32.95 -22.09 -10.31
C5 GLA C . 32.14 -22.59 -9.20
C6 GLA C . 32.12 -24.13 -9.18
O2 GLA C . 33.15 -18.55 -8.67
O3 GLA C . 33.79 -19.91 -11.10
O4 GLA C . 34.37 -22.61 -10.13
O5 GLA C . 32.67 -22.12 -7.89
O6 GLA C . 31.29 -24.59 -8.11
C1 GMH C . 30.02 -9.25 -7.77
C2 GMH C . 29.10 -8.11 -7.31
C3 GMH C . 27.64 -8.54 -7.34
C4 GMH C . 27.23 -9.11 -8.69
C5 GMH C . 28.22 -10.18 -9.06
C6 GMH C . 28.08 -10.70 -10.51
C7 GMH C . 29.05 -11.80 -10.81
O2 GMH C . 29.32 -6.97 -8.21
O3 GMH C . 26.73 -7.53 -6.93
O4 GMH C . 25.88 -9.67 -8.57
O5 GMH C . 29.55 -9.66 -9.09
O6 GMH C . 28.15 -9.59 -11.46
O7 GMH C . 28.68 -12.24 -12.22
C1 KDO C . 36.98 -10.47 -10.10
O1A KDO C . 37.60 -9.38 -10.12
O1B KDO C . 37.00 -11.34 -11.01
C2 KDO C . 35.95 -10.70 -9.00
C3 KDO C . 36.38 -11.87 -8.06
C4 KDO C . 35.40 -11.83 -6.82
O4 KDO C . 35.82 -12.72 -5.89
C5 KDO C . 35.27 -10.56 -6.15
O5 KDO C . 36.60 -10.18 -5.53
C6 KDO C . 34.67 -9.58 -7.08
O6 KDO C . 35.63 -9.47 -8.23
C7 KDO C . 34.41 -8.27 -6.30
O7 KDO C . 33.10 -7.89 -5.79
C8 KDO C . 35.04 -7.09 -6.98
O8 KDO C . 36.38 -7.12 -6.51
S SO4 D . 8.83 7.62 -8.64
O1 SO4 D . 9.41 7.11 -7.42
O2 SO4 D . 8.08 8.85 -8.35
O3 SO4 D . 9.90 7.86 -9.61
O4 SO4 D . 7.90 6.64 -9.23
S SO4 E . -4.75 14.93 -7.00
O1 SO4 E . -6.14 15.36 -6.95
O2 SO4 E . -3.94 15.73 -6.08
O3 SO4 E . -4.20 15.08 -8.35
O4 SO4 E . -4.66 13.52 -6.61
S SO4 F . 13.46 15.15 15.58
O1 SO4 F . 12.64 15.28 16.80
O2 SO4 F . 12.73 15.70 14.45
O3 SO4 F . 14.70 15.90 15.72
O4 SO4 F . 13.78 13.74 15.31
S SO4 G . 35.40 -8.92 4.02
O1 SO4 G . 35.27 -7.84 5.01
O2 SO4 G . 34.44 -10.01 4.18
O3 SO4 G . 35.25 -8.37 2.66
O4 SO4 G . 36.73 -9.52 4.16
S SO4 H . 21.31 -23.67 -20.26
O1 SO4 H . 20.64 -22.37 -20.33
O2 SO4 H . 21.03 -24.39 -19.00
O3 SO4 H . 22.80 -23.53 -20.30
O4 SO4 H . 20.95 -24.53 -21.39
S SO4 I . 20.13 -12.73 -22.43
O1 SO4 I . 19.32 -11.59 -21.94
O2 SO4 I . 19.19 -13.71 -22.89
O3 SO4 I . 21.13 -12.46 -23.52
O4 SO4 I . 20.88 -13.34 -21.32
S SO4 J . -4.83 -24.40 -3.24
O1 SO4 J . -5.14 -23.77 -1.96
O2 SO4 J . -5.15 -23.41 -4.29
O3 SO4 J . -3.41 -24.77 -3.49
O4 SO4 J . -5.62 -25.63 -3.45
S SO4 K . 23.73 -1.79 -15.41
O1 SO4 K . 24.60 -0.57 -15.34
O2 SO4 K . 22.32 -1.45 -15.07
O3 SO4 K . 23.75 -2.18 -16.84
O4 SO4 K . 24.38 -2.91 -14.59
S SO4 L . -0.89 -27.43 7.53
O1 SO4 L . -0.22 -26.15 7.38
O2 SO4 L . -2.31 -27.16 7.82
O3 SO4 L . -0.24 -28.20 8.60
O4 SO4 L . -0.78 -28.21 6.30
S SO4 M . 10.63 -5.26 10.44
O1 SO4 M . 9.44 -4.74 9.73
O2 SO4 M . 10.18 -5.56 11.83
O3 SO4 M . 11.18 -6.48 9.80
O4 SO4 M . 11.84 -4.39 10.42
#